data_2W1Q
#
_entry.id   2W1Q
#
_cell.length_a   56.118
_cell.length_b   61.470
_cell.length_c   82.950
_cell.angle_alpha   90.00
_cell.angle_beta   90.00
_cell.angle_gamma   90.00
#
_symmetry.space_group_name_H-M   'P 21 21 21'
#
loop_
_entity.id
_entity.type
_entity.pdbx_description
1 polymer HYALURONOGLUCOSAMINIDASE
2 non-polymer 'CALCIUM ION'
3 non-polymer 'SODIUM ION'
4 non-polymer 2-[BIS-(2-HYDROXY-ETHYL)-AMINO]-2-HYDROXYMETHYL-PROPANE-1,3-DIOL
5 water water
#
_entity_poly.entity_id   1
_entity_poly.type   'polypeptide(L)'
_entity_poly.pdbx_seq_one_letter_code
;MGSSHHHHHHSSGLVPRGSHMASNPSLIRSESWQVYEGNEANLLDGDDNTGVWYKTLNGDTSLAGEFIGLDLGKEIKLDG
IRFVIGKNGGGSSDKWNKFKLEYSLDNESWTTIKEYDKTGAPAGKDVIEESFETPISAKYIRLTNMENINKWLTFSEFAI
VSDELENAGNKENVYTNTELDLLSLAKEDVTK
;
_entity_poly.pdbx_strand_id   A,B
#
loop_
_chem_comp.id
_chem_comp.type
_chem_comp.name
_chem_comp.formula
BTB non-polymer 2-[BIS-(2-HYDROXY-ETHYL)-AMINO]-2-HYDROXYMETHYL-PROPANE-1,3-DIOL 'C8 H19 N O5'
CA non-polymer 'CALCIUM ION' 'Ca 2'
NA non-polymer 'SODIUM ION' 'Na 1'
#
# COMPACT_ATOMS: atom_id res chain seq x y z
N ASN A 24 7.21 6.28 5.62
CA ASN A 24 6.14 5.32 5.21
C ASN A 24 5.40 6.04 4.05
N PRO A 25 6.11 6.45 2.97
CA PRO A 25 5.38 7.08 1.86
C PRO A 25 4.43 6.07 1.25
N SER A 26 3.32 6.57 0.74
CA SER A 26 2.34 5.71 0.16
C SER A 26 2.02 6.17 -1.25
N LEU A 27 1.44 5.25 -1.99
CA LEU A 27 1.13 5.51 -3.39
C LEU A 27 -0.19 6.28 -3.51
N ILE A 28 -0.21 7.24 -4.43
CA ILE A 28 -1.42 7.89 -4.91
C ILE A 28 -1.48 7.71 -6.41
N ARG A 29 -2.68 7.39 -6.93
CA ARG A 29 -2.85 7.33 -8.38
C ARG A 29 -4.31 7.49 -8.76
N SER A 30 -4.52 7.73 -10.07
CA SER A 30 -5.85 7.89 -10.61
C SER A 30 -6.73 6.71 -10.24
N GLU A 31 -7.89 6.98 -9.61
CA GLU A 31 -8.72 5.91 -9.04
C GLU A 31 -9.37 4.98 -10.07
N SER A 32 -9.57 5.47 -11.29
CA SER A 32 -10.27 4.66 -12.30
C SER A 32 -9.44 3.52 -12.88
N TRP A 33 -8.11 3.60 -12.77
CA TRP A 33 -7.28 2.54 -13.35
C TRP A 33 -7.59 1.22 -12.65
N GLN A 34 -7.56 0.15 -13.44
CA GLN A 34 -7.69 -1.21 -12.90
C GLN A 34 -6.31 -1.87 -12.84
N VAL A 35 -6.01 -2.59 -11.76
CA VAL A 35 -4.79 -3.37 -11.68
C VAL A 35 -5.01 -4.64 -12.52
N TYR A 36 -4.36 -4.67 -13.68
CA TYR A 36 -4.41 -5.83 -14.59
C TYR A 36 -3.38 -6.92 -14.19
N GLU A 37 -2.13 -6.52 -14.00
CA GLU A 37 -1.11 -7.46 -13.45
C GLU A 37 -0.22 -6.79 -12.44
N GLY A 38 0.39 -7.61 -11.58
CA GLY A 38 1.29 -7.09 -10.53
C GLY A 38 0.52 -6.61 -9.33
N ASN A 39 1.21 -5.93 -8.44
CA ASN A 39 0.49 -5.36 -7.33
C ASN A 39 1.16 -4.10 -6.89
N GLU A 40 0.36 -3.21 -6.34
CA GLU A 40 0.80 -1.84 -6.15
C GLU A 40 1.94 -1.71 -5.15
N ALA A 41 2.06 -2.65 -4.20
CA ALA A 41 3.23 -2.64 -3.29
C ALA A 41 4.55 -2.74 -4.06
N ASN A 42 4.50 -3.34 -5.25
CA ASN A 42 5.67 -3.46 -6.10
C ASN A 42 6.25 -2.10 -6.50
N LEU A 43 5.47 -1.05 -6.38
CA LEU A 43 5.94 0.28 -6.77
C LEU A 43 6.75 0.97 -5.67
N LEU A 44 6.85 0.33 -4.51
CA LEU A 44 7.50 0.93 -3.33
C LEU A 44 8.54 -0.01 -2.69
N ASP A 45 8.87 -1.11 -3.37
CA ASP A 45 9.74 -2.16 -2.82
C ASP A 45 11.24 -1.98 -3.07
N GLY A 46 11.59 -0.89 -3.75
CA GLY A 46 12.95 -0.54 -4.07
C GLY A 46 13.64 -1.42 -5.11
N ASP A 47 12.86 -2.13 -5.91
CA ASP A 47 13.36 -3.04 -6.93
C ASP A 47 12.78 -2.59 -8.27
N ASP A 48 13.65 -2.12 -9.16
CA ASP A 48 13.24 -1.70 -10.49
C ASP A 48 12.54 -2.81 -11.27
N ASN A 49 12.84 -4.07 -10.92
CA ASN A 49 12.37 -5.24 -11.68
C ASN A 49 10.98 -5.72 -11.35
N THR A 50 10.33 -5.07 -10.39
CA THR A 50 8.98 -5.43 -10.01
C THR A 50 8.08 -4.23 -10.31
N GLY A 51 6.96 -4.48 -10.98
CA GLY A 51 6.06 -3.38 -11.31
C GLY A 51 4.59 -3.76 -11.32
N VAL A 52 3.84 -2.91 -11.99
CA VAL A 52 2.40 -3.07 -12.11
CA VAL A 52 2.39 -3.03 -12.10
C VAL A 52 1.96 -2.63 -13.50
N TRP A 53 0.90 -3.28 -13.99
CA TRP A 53 0.28 -2.99 -15.26
C TRP A 53 -1.16 -2.61 -15.00
N TYR A 54 -1.48 -1.34 -15.27
CA TYR A 54 -2.81 -0.81 -15.15
C TYR A 54 -3.56 -0.79 -16.48
N LYS A 55 -4.80 -1.28 -16.44
CA LYS A 55 -5.73 -1.09 -17.52
C LYS A 55 -6.41 0.26 -17.32
N THR A 56 -6.42 1.05 -18.39
CA THR A 56 -7.07 2.35 -18.39
C THR A 56 -8.46 2.17 -19.02
N LEU A 57 -9.42 2.91 -18.49
CA LEU A 57 -10.80 2.89 -18.99
C LEU A 57 -10.89 3.95 -20.09
N ASN A 58 -12.08 4.49 -20.33
CA ASN A 58 -12.27 5.47 -21.40
C ASN A 58 -11.75 4.97 -22.78
N GLY A 59 -12.02 3.70 -23.07
CA GLY A 59 -11.57 3.14 -24.33
C GLY A 59 -10.05 3.01 -24.41
N ASP A 60 -9.48 2.40 -23.36
CA ASP A 60 -8.03 2.19 -23.29
C ASP A 60 -7.31 3.52 -23.50
N THR A 61 -7.79 4.56 -22.83
CA THR A 61 -7.19 5.88 -22.96
C THR A 61 -6.89 6.46 -21.61
N SER A 62 -5.63 6.84 -21.42
CA SER A 62 -5.27 7.64 -20.24
C SER A 62 -5.45 9.11 -20.59
N LEU A 63 -6.38 9.75 -19.92
CA LEU A 63 -6.69 11.15 -20.21
C LEU A 63 -5.66 12.07 -19.54
N ALA A 64 -5.52 13.25 -20.11
CA ALA A 64 -4.68 14.28 -19.51
C ALA A 64 -5.18 14.51 -18.08
N GLY A 65 -4.24 14.69 -17.15
CA GLY A 65 -4.58 14.93 -15.76
C GLY A 65 -4.47 13.70 -14.87
N GLU A 66 -4.47 12.51 -15.47
CA GLU A 66 -4.27 11.29 -14.69
C GLU A 66 -2.85 11.31 -14.11
N PHE A 67 -2.65 10.59 -13.02
CA PHE A 67 -1.42 10.71 -12.25
C PHE A 67 -1.06 9.48 -11.44
N ILE A 68 0.20 9.46 -11.03
CA ILE A 68 0.71 8.47 -10.10
C ILE A 68 1.89 9.08 -9.37
N GLY A 69 1.95 8.87 -8.07
CA GLY A 69 3.11 9.34 -7.30
C GLY A 69 2.99 8.99 -5.84
N LEU A 70 3.43 9.91 -4.97
CA LEU A 70 3.61 9.60 -3.56
C LEU A 70 2.96 10.64 -2.68
N ASP A 71 2.34 10.15 -1.61
CA ASP A 71 1.93 10.95 -0.47
C ASP A 71 3.03 10.66 0.56
N LEU A 72 3.78 11.71 0.92
CA LEU A 72 4.94 11.57 1.79
C LEU A 72 4.54 11.55 3.27
N GLY A 73 3.27 11.84 3.57
CA GLY A 73 2.71 11.74 4.95
C GLY A 73 2.87 13.02 5.71
N LYS A 74 3.97 13.72 5.44
CA LYS A 74 4.26 15.02 6.04
C LYS A 74 5.09 15.82 5.05
N GLU A 75 5.16 17.12 5.28
CA GLU A 75 5.94 17.99 4.44
C GLU A 75 7.40 17.73 4.74
N ILE A 76 8.16 17.38 3.71
CA ILE A 76 9.61 17.19 3.85
C ILE A 76 10.39 17.89 2.74
N LYS A 77 11.68 18.14 2.99
CA LYS A 77 12.57 18.78 2.02
C LYS A 77 13.20 17.70 1.13
N LEU A 78 12.89 17.78 -0.16
CA LEU A 78 13.32 16.80 -1.13
C LEU A 78 14.56 17.26 -1.84
N ASP A 79 15.55 16.40 -1.89
CA ASP A 79 16.75 16.64 -2.69
C ASP A 79 16.66 16.10 -4.10
N GLY A 80 15.68 15.22 -4.34
CA GLY A 80 15.50 14.64 -5.65
C GLY A 80 14.45 13.55 -5.65
N ILE A 81 14.20 13.00 -6.84
CA ILE A 81 13.28 11.86 -7.01
C ILE A 81 13.87 10.87 -8.00
N ARG A 82 13.41 9.64 -7.89
CA ARG A 82 13.76 8.63 -8.90
C ARG A 82 12.52 7.76 -9.07
N PHE A 83 11.86 7.93 -10.21
CA PHE A 83 10.67 7.21 -10.57
C PHE A 83 10.99 6.39 -11.81
N VAL A 84 10.52 5.15 -11.85
CA VAL A 84 10.79 4.27 -12.99
C VAL A 84 9.45 3.94 -13.59
N ILE A 85 9.21 4.44 -14.79
CA ILE A 85 7.96 4.17 -15.53
C ILE A 85 8.23 3.00 -16.48
N GLY A 86 7.17 2.44 -17.05
CA GLY A 86 7.28 1.24 -17.85
C GLY A 86 7.65 0.03 -16.96
N LYS A 87 7.74 -1.12 -17.63
CA LYS A 87 8.26 -2.36 -17.07
C LYS A 87 8.68 -3.26 -18.24
N ASN A 88 9.30 -4.38 -17.91
CA ASN A 88 9.73 -5.39 -18.88
C ASN A 88 8.57 -6.24 -19.38
N GLY A 89 8.68 -6.76 -20.60
CA GLY A 89 7.73 -7.71 -21.15
C GLY A 89 6.42 -7.06 -21.54
N GLY A 90 5.34 -7.60 -20.98
CA GLY A 90 4.00 -7.10 -21.29
C GLY A 90 3.93 -5.61 -20.90
N GLY A 91 3.32 -4.82 -21.77
CA GLY A 91 3.10 -3.41 -21.48
C GLY A 91 4.39 -2.59 -21.48
N SER A 92 5.45 -3.09 -22.12
CA SER A 92 6.76 -2.40 -22.15
C SER A 92 6.68 -1.05 -22.87
N SER A 93 5.72 -0.88 -23.79
CA SER A 93 5.45 0.37 -24.49
C SER A 93 4.29 1.18 -23.89
N ASP A 94 3.72 0.71 -22.79
CA ASP A 94 2.50 1.26 -22.22
C ASP A 94 2.88 2.40 -21.28
N LYS A 95 3.24 3.52 -21.89
CA LYS A 95 3.67 4.70 -21.15
C LYS A 95 3.13 5.99 -21.73
N TRP A 96 3.02 6.99 -20.88
CA TRP A 96 2.67 8.32 -21.34
C TRP A 96 3.77 8.83 -22.27
N ASN A 97 3.40 9.66 -23.24
CA ASN A 97 4.39 10.36 -24.05
C ASN A 97 4.66 11.77 -23.54
N LYS A 98 3.65 12.47 -23.05
CA LYS A 98 3.84 13.81 -22.47
C LYS A 98 3.35 13.79 -21.03
N PHE A 99 4.23 14.12 -20.10
CA PHE A 99 3.81 14.17 -18.71
C PHE A 99 4.70 15.14 -17.91
N LYS A 100 4.26 15.51 -16.72
CA LYS A 100 5.00 16.44 -15.90
C LYS A 100 5.24 15.87 -14.50
N LEU A 101 6.31 16.36 -13.89
CA LEU A 101 6.60 16.10 -12.50
C LEU A 101 6.12 17.33 -11.73
N GLU A 102 5.26 17.12 -10.73
CA GLU A 102 4.72 18.23 -9.95
C GLU A 102 4.61 17.86 -8.49
N TYR A 103 4.58 18.88 -7.64
CA TYR A 103 4.46 18.67 -6.21
C TYR A 103 3.40 19.56 -5.56
N SER A 104 3.03 19.23 -4.32
CA SER A 104 2.02 19.98 -3.59
C SER A 104 2.28 19.86 -2.12
N LEU A 105 1.86 20.90 -1.39
CA LEU A 105 1.85 20.87 0.06
C LEU A 105 0.51 20.43 0.65
N ASP A 106 -0.57 20.48 -0.14
CA ASP A 106 -1.93 20.28 0.38
C ASP A 106 -2.81 19.34 -0.45
N ASN A 107 -2.27 18.78 -1.54
CA ASN A 107 -3.03 17.89 -2.43
C ASN A 107 -4.16 18.60 -3.18
N GLU A 108 -4.08 19.93 -3.25
CA GLU A 108 -5.05 20.77 -3.94
C GLU A 108 -4.37 21.66 -4.98
N SER A 109 -3.32 22.35 -4.58
CA SER A 109 -2.57 23.22 -5.51
C SER A 109 -1.24 22.56 -5.86
N TRP A 110 -0.93 22.49 -7.15
CA TRP A 110 0.26 21.80 -7.60
C TRP A 110 1.23 22.77 -8.26
N THR A 111 2.52 22.41 -8.20
CA THR A 111 3.59 23.18 -8.81
C THR A 111 4.48 22.26 -9.66
N THR A 112 4.66 22.60 -10.93
CA THR A 112 5.44 21.81 -11.84
C THR A 112 6.92 22.01 -11.57
N ILE A 113 7.64 20.90 -11.64
CA ILE A 113 9.08 20.88 -11.57
C ILE A 113 9.68 20.68 -12.97
N LYS A 114 9.09 19.78 -13.77
N LYS A 114 9.11 19.75 -13.75
CA LYS A 114 9.60 19.48 -15.10
CA LYS A 114 9.59 19.40 -15.08
C LYS A 114 8.50 18.89 -15.95
C LYS A 114 8.42 18.98 -15.95
N GLU A 115 8.58 19.16 -17.25
CA GLU A 115 7.66 18.63 -18.27
C GLU A 115 8.53 17.71 -19.15
N TYR A 116 7.97 16.58 -19.56
CA TYR A 116 8.69 15.58 -20.34
C TYR A 116 7.96 15.24 -21.62
N ASP A 117 8.74 14.95 -22.65
CA ASP A 117 8.24 14.39 -23.87
C ASP A 117 9.10 13.18 -24.23
N LYS A 118 8.53 11.99 -23.99
CA LYS A 118 9.19 10.71 -24.22
C LYS A 118 8.57 9.97 -25.40
N THR A 119 8.01 10.72 -26.35
CA THR A 119 7.64 10.08 -27.64
C THR A 119 8.84 9.40 -28.28
N GLY A 120 8.67 8.14 -28.70
CA GLY A 120 9.77 7.38 -29.33
C GLY A 120 10.84 6.87 -28.38
N ALA A 121 10.64 7.04 -27.08
CA ALA A 121 11.54 6.47 -26.10
C ALA A 121 11.56 4.97 -26.37
N PRO A 122 12.70 4.30 -26.08
CA PRO A 122 12.77 2.84 -26.25
C PRO A 122 11.73 2.18 -25.34
N ALA A 123 11.20 1.05 -25.81
CA ALA A 123 10.31 0.23 -24.99
C ALA A 123 10.99 -0.14 -23.68
N GLY A 124 10.17 -0.35 -22.65
CA GLY A 124 10.67 -0.83 -21.38
C GLY A 124 10.79 0.23 -20.30
N LYS A 125 11.51 -0.12 -19.24
CA LYS A 125 11.68 0.78 -18.10
C LYS A 125 12.36 2.06 -18.55
N ASP A 126 11.90 3.18 -18.00
CA ASP A 126 12.49 4.49 -18.25
C ASP A 126 12.66 5.17 -16.89
N VAL A 127 13.91 5.48 -16.54
CA VAL A 127 14.22 6.10 -15.26
C VAL A 127 14.08 7.61 -15.38
N ILE A 128 13.16 8.14 -14.59
CA ILE A 128 12.92 9.57 -14.47
C ILE A 128 13.57 9.96 -13.12
N GLU A 129 14.69 10.67 -13.21
CA GLU A 129 15.49 11.02 -12.04
C GLU A 129 15.86 12.50 -12.09
N GLU A 130 15.63 13.19 -10.99
CA GLU A 130 15.97 14.60 -10.90
C GLU A 130 16.62 14.87 -9.56
N SER A 131 17.52 15.84 -9.57
CA SER A 131 18.21 16.33 -8.39
C SER A 131 17.96 17.81 -8.30
N PHE A 132 17.69 18.26 -7.09
CA PHE A 132 17.42 19.66 -6.79
C PHE A 132 18.59 20.23 -5.92
N GLU A 133 19.26 21.25 -6.43
CA GLU A 133 20.38 21.89 -5.70
C GLU A 133 19.90 22.50 -4.37
N THR A 134 18.76 23.20 -4.46
CA THR A 134 18.06 23.64 -3.27
C THR A 134 16.84 22.75 -3.07
N PRO A 135 16.72 22.14 -1.90
CA PRO A 135 15.62 21.22 -1.65
C PRO A 135 14.27 21.89 -1.90
N ILE A 136 13.30 21.06 -2.27
CA ILE A 136 11.94 21.48 -2.49
C ILE A 136 11.09 20.85 -1.40
N SER A 137 10.37 21.69 -0.68
CA SER A 137 9.44 21.27 0.34
C SER A 137 8.14 20.77 -0.27
N ALA A 138 7.81 19.52 0.01
CA ALA A 138 6.59 18.93 -0.50
C ALA A 138 6.00 17.87 0.45
N LYS A 139 4.68 17.72 0.40
CA LYS A 139 3.97 16.60 1.04
C LYS A 139 3.52 15.53 0.03
N TYR A 140 3.33 15.95 -1.23
CA TYR A 140 2.92 15.06 -2.31
C TYR A 140 3.78 15.34 -3.52
N ILE A 141 4.14 14.30 -4.26
CA ILE A 141 4.90 14.49 -5.49
C ILE A 141 4.56 13.39 -6.48
N ARG A 142 4.31 13.77 -7.72
CA ARG A 142 3.74 12.83 -8.68
C ARG A 142 4.06 13.18 -10.12
N LEU A 143 3.86 12.20 -10.98
CA LEU A 143 3.87 12.37 -12.44
C LEU A 143 2.42 12.45 -12.90
N THR A 144 2.18 13.36 -13.82
CA THR A 144 0.85 13.64 -14.29
C THR A 144 0.84 13.73 -15.83
N ASN A 145 -0.08 12.96 -16.43
CA ASN A 145 -0.24 12.97 -17.87
C ASN A 145 -0.65 14.35 -18.36
N MET A 146 0.02 14.81 -19.42
CA MET A 146 -0.31 16.07 -20.07
C MET A 146 -1.20 15.95 -21.32
N GLU A 147 -1.32 14.76 -21.89
CA GLU A 147 -1.97 14.59 -23.19
C GLU A 147 -2.63 13.22 -23.27
N ASN A 148 -3.90 13.20 -23.70
CA ASN A 148 -4.60 11.94 -23.88
C ASN A 148 -3.70 10.98 -24.68
N ILE A 149 -3.68 9.73 -24.26
CA ILE A 149 -2.98 8.68 -25.00
C ILE A 149 -3.76 7.36 -24.94
N ASN A 150 -3.86 6.68 -26.08
CA ASN A 150 -4.69 5.50 -26.21
C ASN A 150 -3.90 4.27 -25.80
N LYS A 151 -3.47 4.25 -24.53
CA LYS A 151 -2.74 3.13 -24.01
C LYS A 151 -3.16 2.81 -22.57
N TRP A 152 -2.89 1.57 -22.18
CA TRP A 152 -2.78 1.18 -20.79
C TRP A 152 -1.42 1.69 -20.25
N LEU A 153 -1.10 1.38 -18.98
CA LEU A 153 0.04 1.99 -18.31
C LEU A 153 0.78 1.01 -17.39
N THR A 154 2.12 0.94 -17.53
CA THR A 154 2.99 0.17 -16.62
C THR A 154 3.92 1.09 -15.83
N PHE A 155 4.23 0.67 -14.60
CA PHE A 155 5.18 1.40 -13.77
C PHE A 155 5.95 0.39 -12.93
N SER A 156 7.08 0.82 -12.40
CA SER A 156 7.95 -0.06 -11.63
C SER A 156 8.40 0.45 -10.26
N GLU A 157 8.61 1.76 -10.11
CA GLU A 157 9.14 2.25 -8.84
C GLU A 157 8.97 3.76 -8.64
N PHE A 158 8.65 4.14 -7.41
CA PHE A 158 8.60 5.56 -7.03
C PHE A 158 9.37 5.78 -5.73
N ALA A 159 10.43 6.60 -5.82
CA ALA A 159 11.29 6.89 -4.69
C ALA A 159 11.63 8.37 -4.63
N ILE A 160 11.83 8.87 -3.41
CA ILE A 160 12.38 10.23 -3.20
C ILE A 160 13.79 10.13 -2.59
N VAL A 161 14.55 11.22 -2.73
CA VAL A 161 15.83 11.42 -2.07
C VAL A 161 15.67 12.60 -1.11
N SER A 162 15.89 12.37 0.18
CA SER A 162 15.68 13.39 1.20
C SER A 162 16.52 13.21 2.44
N ASP A 163 17.24 14.28 2.77
CA ASP A 163 17.66 14.62 4.15
C ASP A 163 18.56 13.64 4.87
N ASN B 24 -6.98 -4.48 -4.54
CA ASN B 24 -8.26 -3.74 -4.27
C ASN B 24 -8.42 -3.35 -2.78
N PRO B 25 -8.27 -4.32 -1.86
CA PRO B 25 -8.42 -3.92 -0.45
C PRO B 25 -7.33 -2.97 0.06
N SER B 26 -7.69 -2.19 1.07
CA SER B 26 -6.74 -1.29 1.70
C SER B 26 -6.72 -1.54 3.20
N LEU B 27 -5.67 -1.08 3.85
CA LEU B 27 -5.48 -1.41 5.27
C LEU B 27 -6.32 -0.49 6.17
N ILE B 28 -6.88 -1.08 7.22
CA ILE B 28 -7.47 -0.36 8.35
C ILE B 28 -6.71 -0.83 9.61
N ARG B 29 -6.40 0.08 10.53
CA ARG B 29 -5.77 -0.30 11.78
C ARG B 29 -5.92 0.85 12.77
N SER B 30 -5.67 0.53 14.03
CA SER B 30 -5.70 1.51 15.08
C SER B 30 -4.88 2.75 14.70
N GLU B 31 -5.51 3.92 14.77
CA GLU B 31 -4.87 5.18 14.38
C GLU B 31 -3.64 5.44 15.24
N SER B 32 -3.69 4.98 16.50
CA SER B 32 -2.67 5.29 17.49
C SER B 32 -1.31 4.62 17.21
N TRP B 33 -1.31 3.51 16.48
CA TRP B 33 -0.04 2.84 16.19
C TRP B 33 0.86 3.72 15.33
N GLN B 34 2.16 3.57 15.55
CA GLN B 34 3.19 4.26 14.77
C GLN B 34 4.10 3.22 14.16
N VAL B 35 4.51 3.44 12.92
CA VAL B 35 5.40 2.53 12.27
C VAL B 35 6.79 2.71 12.88
N TYR B 36 7.32 1.63 13.43
CA TYR B 36 8.66 1.60 13.97
C TYR B 36 9.68 1.09 12.93
N GLU B 37 9.30 0.06 12.19
CA GLU B 37 10.13 -0.48 11.11
C GLU B 37 9.22 -1.02 10.03
N GLY B 38 9.69 -0.95 8.79
CA GLY B 38 8.95 -1.44 7.64
C GLY B 38 8.05 -0.43 6.96
N ASN B 39 7.25 -0.94 6.02
CA ASN B 39 6.37 -0.12 5.23
C ASN B 39 5.03 -0.83 5.23
N GLU B 40 3.95 -0.09 5.47
CA GLU B 40 2.62 -0.70 5.50
C GLU B 40 2.21 -1.29 4.14
N ALA B 41 2.85 -0.85 3.05
CA ALA B 41 2.68 -1.54 1.75
C ALA B 41 3.09 -3.01 1.84
N ASN B 42 4.05 -3.31 2.70
CA ASN B 42 4.52 -4.69 2.93
C ASN B 42 3.40 -5.64 3.42
N LEU B 43 2.27 -5.10 3.89
CA LEU B 43 1.16 -5.93 4.42
C LEU B 43 0.21 -6.43 3.34
N LEU B 44 0.39 -5.92 2.13
CA LEU B 44 -0.45 -6.24 1.00
C LEU B 44 0.36 -6.67 -0.24
N ASP B 45 1.61 -7.10 -0.04
CA ASP B 45 2.54 -7.33 -1.16
C ASP B 45 2.58 -8.81 -1.58
N GLY B 46 1.74 -9.62 -0.92
CA GLY B 46 1.69 -11.04 -1.19
C GLY B 46 2.88 -11.84 -0.72
N ASP B 47 3.73 -11.29 0.13
CA ASP B 47 4.95 -11.94 0.57
C ASP B 47 4.89 -12.13 2.09
N ASP B 48 4.83 -13.38 2.55
CA ASP B 48 4.83 -13.65 4.01
C ASP B 48 6.07 -13.12 4.72
N ASN B 49 7.16 -12.96 3.97
CA ASN B 49 8.45 -12.61 4.55
C ASN B 49 8.79 -11.12 4.55
N THR B 50 7.80 -10.30 4.28
CA THR B 50 7.92 -8.85 4.46
C THR B 50 6.82 -8.41 5.40
N GLY B 51 7.14 -7.50 6.32
CA GLY B 51 6.15 -7.04 7.25
C GLY B 51 6.42 -5.66 7.79
N VAL B 52 5.71 -5.36 8.86
CA VAL B 52 5.82 -4.06 9.51
C VAL B 52 5.81 -4.28 11.04
N TRP B 53 6.46 -3.35 11.73
CA TRP B 53 6.57 -3.37 13.18
C TRP B 53 6.00 -2.05 13.68
N TYR B 54 4.96 -2.17 14.50
CA TYR B 54 4.27 -1.01 15.08
C TYR B 54 4.58 -0.79 16.58
N LYS B 55 4.89 0.46 16.89
CA LYS B 55 4.98 0.93 18.24
C LYS B 55 3.55 1.27 18.69
N THR B 56 3.19 0.81 19.87
CA THR B 56 1.91 1.02 20.52
C THR B 56 2.06 2.10 21.61
N LEU B 57 0.99 2.87 21.81
CA LEU B 57 0.95 3.90 22.86
C LEU B 57 0.48 3.29 24.22
N ASN B 58 -0.06 4.11 25.13
CA ASN B 58 -0.48 3.60 26.45
C ASN B 58 0.64 2.87 27.16
N GLY B 59 1.84 3.44 27.06
CA GLY B 59 3.02 2.85 27.70
C GLY B 59 3.38 1.51 27.05
N ASP B 60 3.35 1.50 25.72
CA ASP B 60 3.75 0.32 24.93
C ASP B 60 2.86 -0.86 25.26
N THR B 61 1.57 -0.57 25.41
CA THR B 61 0.56 -1.59 25.71
C THR B 61 -0.50 -1.56 24.66
N SER B 62 -0.74 -2.70 24.02
CA SER B 62 -1.83 -2.82 23.08
C SER B 62 -3.04 -3.18 23.91
N LEU B 63 -3.99 -2.27 24.01
CA LEU B 63 -5.20 -2.55 24.78
C LEU B 63 -6.20 -3.41 23.97
N ALA B 64 -7.06 -4.12 24.70
CA ALA B 64 -8.25 -4.76 24.10
C ALA B 64 -8.92 -3.74 23.21
N GLY B 65 -9.33 -4.17 22.01
CA GLY B 65 -10.06 -3.33 21.09
C GLY B 65 -9.25 -2.74 19.95
N GLU B 66 -7.92 -2.72 20.10
CA GLU B 66 -7.06 -2.32 18.99
C GLU B 66 -7.17 -3.34 17.86
N PHE B 67 -6.93 -2.92 16.63
CA PHE B 67 -7.23 -3.76 15.47
C PHE B 67 -6.39 -3.47 14.24
N ILE B 68 -6.40 -4.46 13.34
CA ILE B 68 -5.80 -4.32 12.01
C ILE B 68 -6.54 -5.24 11.06
N GLY B 69 -6.79 -4.73 9.86
CA GLY B 69 -7.48 -5.55 8.88
C GLY B 69 -7.62 -4.80 7.58
N LEU B 70 -8.73 -5.10 6.90
CA LEU B 70 -8.94 -4.61 5.53
C LEU B 70 -10.28 -3.91 5.36
N ASP B 71 -10.24 -2.80 4.62
CA ASP B 71 -11.42 -2.19 4.03
C ASP B 71 -11.47 -2.73 2.59
N LEU B 72 -12.54 -3.44 2.27
CA LEU B 72 -12.66 -4.14 0.99
C LEU B 72 -13.20 -3.21 -0.12
N GLY B 73 -13.57 -1.97 0.25
CA GLY B 73 -14.01 -0.94 -0.70
C GLY B 73 -15.50 -1.01 -0.97
N LYS B 74 -16.02 -2.23 -0.91
CA LYS B 74 -17.47 -2.50 -1.15
C LYS B 74 -17.84 -3.79 -0.45
N GLU B 75 -19.15 -4.03 -0.29
CA GLU B 75 -19.61 -5.31 0.25
C GLU B 75 -19.30 -6.41 -0.76
N ILE B 76 -18.63 -7.44 -0.29
CA ILE B 76 -18.39 -8.64 -1.10
C ILE B 76 -18.56 -9.91 -0.29
N LYS B 77 -18.87 -10.99 -0.97
CA LYS B 77 -19.03 -12.29 -0.33
C LYS B 77 -17.66 -12.96 -0.22
N LEU B 78 -17.19 -13.16 1.02
CA LEU B 78 -15.91 -13.75 1.27
C LEU B 78 -16.08 -15.26 1.49
N ASP B 79 -15.15 -16.02 0.92
CA ASP B 79 -15.02 -17.45 1.16
C ASP B 79 -13.95 -17.78 2.18
N GLY B 80 -13.11 -16.82 2.54
CA GLY B 80 -12.10 -17.06 3.54
C GLY B 80 -11.14 -15.89 3.67
N ILE B 81 -10.19 -16.02 4.60
CA ILE B 81 -9.13 -15.04 4.74
C ILE B 81 -7.83 -15.77 5.04
N ARG B 82 -6.71 -15.10 4.79
CA ARG B 82 -5.39 -15.56 5.22
C ARG B 82 -4.59 -14.33 5.70
N PHE B 83 -4.43 -14.23 7.02
CA PHE B 83 -3.70 -13.15 7.65
C PHE B 83 -2.45 -13.74 8.29
N VAL B 84 -1.32 -13.08 8.13
CA VAL B 84 -0.09 -13.52 8.77
C VAL B 84 0.32 -12.48 9.80
N ILE B 85 0.27 -12.86 11.08
CA ILE B 85 0.69 -12.00 12.18
C ILE B 85 2.11 -12.30 12.56
N GLY B 86 2.73 -11.40 13.32
CA GLY B 86 4.16 -11.45 13.57
C GLY B 86 4.98 -11.26 12.29
N LYS B 87 6.28 -11.46 12.44
CA LYS B 87 7.20 -11.43 11.30
C LYS B 87 8.49 -12.12 11.68
N ASN B 88 9.39 -12.26 10.71
CA ASN B 88 10.71 -12.86 10.93
C ASN B 88 11.63 -11.89 11.68
N GLY B 89 12.45 -12.43 12.59
CA GLY B 89 13.54 -11.66 13.18
C GLY B 89 13.10 -10.69 14.27
N GLY B 90 13.41 -9.40 14.08
CA GLY B 90 13.07 -8.40 15.08
C GLY B 90 11.57 -8.35 15.33
N GLY B 91 11.19 -8.30 16.60
CA GLY B 91 9.78 -8.23 16.97
C GLY B 91 9.02 -9.53 16.72
N SER B 92 9.75 -10.64 16.62
CA SER B 92 9.12 -11.92 16.34
C SER B 92 8.17 -12.40 17.46
N SER B 93 8.35 -11.90 18.70
CA SER B 93 7.44 -12.19 19.82
CA SER B 93 7.44 -12.21 19.81
C SER B 93 6.44 -11.06 20.09
N ASP B 94 6.45 -10.04 19.22
CA ASP B 94 5.59 -8.86 19.37
C ASP B 94 4.21 -9.14 18.74
N LYS B 95 3.45 -9.95 19.46
CA LYS B 95 2.13 -10.41 18.98
C LYS B 95 1.11 -10.44 20.11
N TRP B 96 -0.16 -10.25 19.75
CA TRP B 96 -1.25 -10.42 20.70
C TRP B 96 -1.31 -11.88 21.17
N ASN B 97 -1.80 -12.07 22.40
CA ASN B 97 -2.11 -13.44 22.92
C ASN B 97 -3.51 -13.90 22.61
N LYS B 98 -4.48 -12.99 22.80
CA LYS B 98 -5.89 -13.29 22.61
C LYS B 98 -6.53 -12.23 21.74
N PHE B 99 -7.20 -12.69 20.69
CA PHE B 99 -7.79 -11.77 19.70
C PHE B 99 -8.91 -12.44 18.92
N LYS B 100 -9.64 -11.65 18.16
CA LYS B 100 -10.77 -12.14 17.37
C LYS B 100 -10.73 -11.66 15.94
N LEU B 101 -11.28 -12.50 15.08
CA LEU B 101 -11.54 -12.17 13.68
C LEU B 101 -13.00 -11.75 13.61
N GLU B 102 -13.25 -10.53 13.13
CA GLU B 102 -14.61 -9.99 13.06
C GLU B 102 -14.83 -9.20 11.78
N TYR B 103 -16.08 -9.04 11.40
CA TYR B 103 -16.40 -8.32 10.19
C TYR B 103 -17.57 -7.33 10.33
N SER B 104 -17.72 -6.45 9.35
CA SER B 104 -18.70 -5.37 9.41
C SER B 104 -19.09 -4.95 8.00
N LEU B 105 -20.29 -4.38 7.91
CA LEU B 105 -20.71 -3.72 6.66
C LEU B 105 -20.50 -2.22 6.72
N ASP B 106 -20.45 -1.66 7.93
CA ASP B 106 -20.42 -0.19 8.14
C ASP B 106 -19.22 0.34 8.94
N ASN B 107 -18.34 -0.55 9.38
CA ASN B 107 -17.19 -0.17 10.22
C ASN B 107 -17.59 0.33 11.61
N GLU B 108 -18.84 0.01 12.02
CA GLU B 108 -19.37 0.40 13.32
C GLU B 108 -19.87 -0.80 14.12
N SER B 109 -20.67 -1.66 13.48
CA SER B 109 -21.20 -2.85 14.16
CA SER B 109 -21.21 -2.86 14.13
C SER B 109 -20.46 -4.08 13.63
N TRP B 110 -19.99 -4.91 14.54
CA TRP B 110 -19.12 -6.05 14.22
C TRP B 110 -19.72 -7.38 14.63
N THR B 111 -19.36 -8.45 13.89
CA THR B 111 -19.77 -9.79 14.20
C THR B 111 -18.51 -10.64 14.18
N THR B 112 -18.31 -11.43 15.24
CA THR B 112 -17.17 -12.29 15.34
C THR B 112 -17.35 -13.53 14.48
N ILE B 113 -16.26 -13.92 13.84
CA ILE B 113 -16.15 -15.15 13.07
C ILE B 113 -15.43 -16.22 13.87
N LYS B 114 -14.31 -15.85 14.51
CA LYS B 114 -13.50 -16.77 15.30
C LYS B 114 -12.79 -15.99 16.40
N GLU B 115 -12.47 -16.69 17.48
CA GLU B 115 -11.58 -16.18 18.52
C GLU B 115 -10.36 -17.07 18.63
N TYR B 116 -9.26 -16.47 19.09
CA TYR B 116 -7.93 -17.10 19.07
C TYR B 116 -7.26 -16.89 20.41
N ASP B 117 -6.65 -17.95 20.93
CA ASP B 117 -5.71 -17.84 22.05
C ASP B 117 -4.39 -18.43 21.63
N LYS B 118 -3.43 -17.54 21.31
CA LYS B 118 -2.09 -17.88 20.85
C LYS B 118 -1.07 -17.67 21.98
N THR B 119 -1.56 -17.66 23.22
CA THR B 119 -0.69 -17.52 24.41
C THR B 119 0.33 -18.66 24.33
N GLY B 120 1.61 -18.31 24.34
CA GLY B 120 2.69 -19.32 24.29
C GLY B 120 3.02 -19.91 22.92
N ALA B 121 2.32 -19.49 21.85
CA ALA B 121 2.64 -19.89 20.47
C ALA B 121 4.12 -19.60 20.17
N PRO B 122 4.71 -20.32 19.18
CA PRO B 122 6.10 -20.03 18.78
C PRO B 122 6.28 -18.55 18.36
N ALA B 123 7.43 -17.97 18.71
CA ALA B 123 7.89 -16.71 18.12
C ALA B 123 7.89 -16.80 16.59
N GLY B 124 7.61 -15.68 15.94
CA GLY B 124 7.70 -15.57 14.49
C GLY B 124 6.35 -15.41 13.82
N LYS B 125 6.36 -15.53 12.49
CA LYS B 125 5.15 -15.50 11.70
C LYS B 125 4.14 -16.50 12.25
N ASP B 126 2.87 -16.16 12.18
CA ASP B 126 1.80 -17.11 12.50
C ASP B 126 0.65 -16.89 11.51
N VAL B 127 0.28 -17.95 10.81
CA VAL B 127 -0.68 -17.87 9.75
C VAL B 127 -2.06 -18.15 10.31
N ILE B 128 -2.95 -17.16 10.15
CA ILE B 128 -4.34 -17.25 10.57
C ILE B 128 -5.13 -17.41 9.28
N GLU B 129 -5.52 -18.64 8.98
CA GLU B 129 -6.24 -18.93 7.74
C GLU B 129 -7.58 -19.56 8.08
N GLU B 130 -8.63 -19.06 7.43
CA GLU B 130 -9.96 -19.56 7.63
C GLU B 130 -10.69 -19.66 6.31
N SER B 131 -11.43 -20.76 6.16
CA SER B 131 -12.39 -20.93 5.07
C SER B 131 -13.81 -20.86 5.67
N PHE B 132 -14.68 -20.15 4.97
CA PHE B 132 -16.04 -19.90 5.41
C PHE B 132 -16.90 -20.82 4.57
N GLU B 133 -17.48 -21.84 5.20
CA GLU B 133 -18.34 -22.77 4.45
C GLU B 133 -19.59 -22.04 3.94
N THR B 134 -20.17 -21.17 4.75
CA THR B 134 -21.19 -20.23 4.27
C THR B 134 -20.51 -18.87 4.01
N PRO B 135 -20.57 -18.37 2.76
CA PRO B 135 -19.90 -17.10 2.47
C PRO B 135 -20.34 -15.98 3.39
N ILE B 136 -19.41 -15.11 3.77
CA ILE B 136 -19.69 -13.98 4.64
C ILE B 136 -19.67 -12.69 3.83
N SER B 137 -20.73 -11.93 4.00
CA SER B 137 -20.88 -10.66 3.29
C SER B 137 -20.32 -9.56 4.17
N ALA B 138 -19.30 -8.86 3.67
CA ALA B 138 -18.56 -7.92 4.50
C ALA B 138 -17.98 -6.81 3.64
N LYS B 139 -17.86 -5.62 4.23
CA LYS B 139 -17.07 -4.52 3.65
C LYS B 139 -15.75 -4.34 4.39
N TYR B 140 -15.74 -4.69 5.69
CA TYR B 140 -14.55 -4.59 6.53
C TYR B 140 -14.32 -5.89 7.26
N ILE B 141 -13.07 -6.26 7.42
CA ILE B 141 -12.77 -7.48 8.16
C ILE B 141 -11.41 -7.33 8.81
N ARG B 142 -11.32 -7.72 10.09
CA ARG B 142 -10.12 -7.37 10.86
C ARG B 142 -9.90 -8.29 12.05
N LEU B 143 -8.66 -8.28 12.54
CA LEU B 143 -8.26 -8.91 13.80
C LEU B 143 -8.28 -7.84 14.88
N THR B 144 -8.83 -8.18 16.04
CA THR B 144 -9.00 -7.26 17.13
C THR B 144 -8.55 -7.88 18.44
N ASN B 145 -7.70 -7.15 19.12
CA ASN B 145 -7.13 -7.61 20.38
C ASN B 145 -8.25 -7.77 21.44
N MET B 146 -8.14 -8.85 22.22
CA MET B 146 -9.07 -9.12 23.31
C MET B 146 -8.48 -9.02 24.72
N GLU B 147 -7.17 -8.80 24.83
CA GLU B 147 -6.51 -8.75 26.13
C GLU B 147 -5.32 -7.78 26.10
N ASN B 148 -5.30 -6.85 27.04
CA ASN B 148 -4.20 -5.90 27.15
C ASN B 148 -2.89 -6.65 27.18
N ILE B 149 -1.87 -6.14 26.46
CA ILE B 149 -0.56 -6.78 26.40
C ILE B 149 0.53 -5.70 26.27
N ASN B 150 1.56 -5.76 27.12
CA ASN B 150 2.67 -4.80 27.09
C ASN B 150 3.66 -5.16 26.01
N LYS B 151 3.24 -5.01 24.76
CA LYS B 151 4.08 -5.33 23.60
C LYS B 151 3.78 -4.36 22.47
N TRP B 152 4.82 -4.12 21.66
CA TRP B 152 4.64 -3.59 20.32
C TRP B 152 4.14 -4.75 19.47
N LEU B 153 3.92 -4.51 18.19
CA LEU B 153 3.18 -5.47 17.35
C LEU B 153 3.79 -5.57 15.96
N THR B 154 4.00 -6.81 15.51
CA THR B 154 4.42 -7.07 14.15
C THR B 154 3.32 -7.84 13.36
N PHE B 155 3.21 -7.48 12.08
CA PHE B 155 2.32 -8.18 11.15
C PHE B 155 3.01 -8.28 9.79
N SER B 156 2.54 -9.22 8.95
CA SER B 156 3.19 -9.53 7.68
C SER B 156 2.30 -9.56 6.43
N GLU B 157 1.03 -9.95 6.55
CA GLU B 157 0.20 -10.08 5.34
C GLU B 157 -1.29 -10.13 5.65
N PHE B 158 -2.07 -9.50 4.79
CA PHE B 158 -3.53 -9.56 4.88
C PHE B 158 -4.12 -9.83 3.50
N ALA B 159 -4.78 -10.98 3.38
CA ALA B 159 -5.37 -11.44 2.11
C ALA B 159 -6.77 -12.01 2.37
N ILE B 160 -7.63 -11.84 1.36
CA ILE B 160 -8.97 -12.42 1.37
C ILE B 160 -9.09 -13.42 0.22
N VAL B 161 -10.09 -14.30 0.34
CA VAL B 161 -10.45 -15.23 -0.74
C VAL B 161 -11.89 -14.90 -1.10
N SER B 162 -12.11 -14.54 -2.37
CA SER B 162 -13.41 -14.25 -2.90
C SER B 162 -13.33 -14.48 -4.42
CA CA C . 9.36 -2.13 -7.94
NA NA D . 12.62 -3.32 -19.19
C1 BTB E . -4.69 -2.75 -27.60
O1 BTB E . -4.51 -3.87 -28.50
C2 BTB E . -4.82 -3.12 -26.10
C3 BTB E . -5.34 -1.84 -25.41
O3 BTB E . -4.29 -0.85 -25.33
C4 BTB E . -5.78 -4.29 -25.89
O4 BTB E . -7.02 -4.08 -26.62
N BTB E . -3.48 -3.45 -25.51
C5 BTB E . -2.58 -4.31 -26.33
C6 BTB E . -1.66 -3.50 -27.25
O6 BTB E . -1.20 -2.27 -26.64
C7 BTB E . -3.56 -3.99 -24.12
C8 BTB E . -2.27 -3.79 -23.35
O8 BTB E . -1.84 -2.44 -23.51
CA CA F . 4.13 -9.03 3.38
NA NA G . -8.69 3.95 16.03
#